data_6Y8Y
#
_entry.id   6Y8Y
#
_cell.length_a   47.230
_cell.length_b   94.680
_cell.length_c   146.970
_cell.angle_alpha   90.000
_cell.angle_beta   90.000
_cell.angle_gamma   90.000
#
_symmetry.space_group_name_H-M   'P 2 21 21'
#
loop_
_entity.id
_entity.type
_entity.pdbx_description
1 polymer 'Phosphoglucomutase 5'
2 non-polymer 'NICKEL (II) ION'
3 non-polymer 'CALCIUM ION'
4 non-polymer 1-O-phosphono-alpha-D-glucopyranose
5 non-polymer GLYCEROL
6 non-polymer 'ACETATE ION'
7 non-polymer 'SODIUM ION'
8 water water
#
_entity_poly.entity_id   1
_entity_poly.type   'polypeptide(L)'
_entity_poly.pdbx_seq_one_letter_code
;MHHHHHHSSGVDLGTENLYFQSMETNPIPVVTVQTTPFDDQKPGTNGLRKKTTVFESKKNYLQNYIQSVLSSIDLRDRQG
CTMVVGSDGRYFSRTAIEVIVQMAAANGIGRLVIGHNGILSTPAVSCIIRKIKAIGGIILTA(SEP)RNPGGPNGDFGIK
FNVANGGPAPDTVIDKIHQVSRTLEEYAICPDMRIDLSRLGRQDFDLENKFKPFRVEIVDSVEVYLNLLRGIFDFNAIKG
LLTGPDQLKMRVDAMSGVMGPYVRRILCDELGAPANSAVNCVPLEDFGGHYPDPNLTYATGLVDAMKGGEFGFGAAFDAD
GDRCMILGQNAFFVNPSDSLAVVAANLSCIPYFRQVGVRGFARSMPTSTAIDRVAKAMKVAVYETPAGWRFFGNLMDSGR
CSFCGEESFGMGSDHIREKDGLWTVLVWLSIMAARKQGVEDIVRDHWTKLGRNYFCRFDYEAIDPRAAFYLMKDLEAVIS
DKAFCSQKFAVGNSVYSVEKADNFEYIDPVDGTVARNQGLRIIFSESSRLIFRLSGTGVGVGATIRIYAESFERDPERHN
REPQVVLGPLIAIALKISDIHERTGRRGPTVIT
;
_entity_poly.pdbx_strand_id   A
#
loop_
_chem_comp.id
_chem_comp.type
_chem_comp.name
_chem_comp.formula
ACT non-polymer 'ACETATE ION' 'C2 H3 O2 -1'
CA non-polymer 'CALCIUM ION' 'Ca 2'
G1P D-saccharide 1-O-phosphono-alpha-D-glucopyranose 'C6 H13 O9 P'
GOL non-polymer GLYCEROL 'C3 H8 O3'
NA non-polymer 'SODIUM ION' 'Na 1'
NI non-polymer 'NICKEL (II) ION' 'Ni 2'
#
# COMPACT_ATOMS: atom_id res chain seq x y z
N LEU A 18 36.75 12.45 -22.52
CA LEU A 18 35.89 12.74 -23.66
C LEU A 18 35.46 14.20 -23.65
N TYR A 19 35.90 14.95 -24.67
CA TYR A 19 35.75 16.39 -24.72
C TYR A 19 34.53 16.80 -25.55
N PHE A 20 33.86 17.86 -25.10
CA PHE A 20 32.69 18.40 -25.79
C PHE A 20 32.58 19.89 -25.52
N GLN A 21 31.98 20.61 -26.46
CA GLN A 21 31.74 22.03 -26.35
C GLN A 21 30.29 22.34 -26.70
N SER A 22 29.67 23.26 -25.95
CA SER A 22 28.33 23.72 -26.27
C SER A 22 28.11 25.10 -25.66
N MET A 23 26.92 25.64 -25.90
CA MET A 23 26.54 26.97 -25.47
C MET A 23 25.53 26.88 -24.34
N GLU A 24 25.48 27.92 -23.51
CA GLU A 24 24.49 28.01 -22.44
C GLU A 24 23.87 29.39 -22.43
N THR A 25 22.63 29.47 -21.93
CA THR A 25 21.90 30.72 -21.86
C THR A 25 21.26 30.83 -20.48
N ASN A 26 21.60 31.90 -19.76
CA ASN A 26 21.08 32.19 -18.43
C ASN A 26 21.17 30.98 -17.48
N PRO A 27 22.36 30.43 -17.27
CA PRO A 27 22.46 29.22 -16.45
C PRO A 27 21.97 29.45 -15.03
N ILE A 28 21.30 28.44 -14.48
CA ILE A 28 20.73 28.53 -13.14
C ILE A 28 21.81 28.18 -12.12
N PRO A 29 22.07 29.06 -11.16
CA PRO A 29 23.14 28.80 -10.19
C PRO A 29 22.78 27.68 -9.23
N VAL A 30 23.83 27.02 -8.71
CA VAL A 30 23.70 25.93 -7.76
C VAL A 30 24.19 26.44 -6.41
N VAL A 31 23.30 26.45 -5.42
CA VAL A 31 23.59 26.99 -4.10
C VAL A 31 23.87 25.84 -3.14
N THR A 32 24.89 26.01 -2.31
CA THR A 32 25.21 25.08 -1.24
C THR A 32 24.79 25.69 0.09
N VAL A 33 23.97 24.96 0.85
CA VAL A 33 23.35 25.47 2.05
C VAL A 33 23.83 24.64 3.23
N GLN A 34 24.45 25.30 4.21
CA GLN A 34 24.83 24.62 5.44
C GLN A 34 23.58 24.33 6.28
N THR A 35 23.59 23.18 6.95
CA THR A 35 22.42 22.73 7.69
C THR A 35 22.85 21.89 8.87
N THR A 36 21.91 21.64 9.76
CA THR A 36 22.07 20.82 10.95
C THR A 36 21.28 19.53 10.77
N PRO A 37 21.84 18.37 11.10
CA PRO A 37 21.11 17.12 10.93
C PRO A 37 19.95 17.01 11.91
N PHE A 38 18.96 16.21 11.52
CA PHE A 38 17.83 15.89 12.37
C PHE A 38 17.93 14.45 12.84
N ASP A 39 17.26 14.17 13.96
CA ASP A 39 17.38 12.90 14.66
C ASP A 39 16.43 11.83 14.15
N ASP A 40 15.26 12.23 13.64
CA ASP A 40 14.13 11.32 13.45
C ASP A 40 13.80 11.07 11.98
N GLN A 41 14.77 11.20 11.09
CA GLN A 41 14.49 11.07 9.66
C GLN A 41 14.76 9.67 9.14
N LYS A 42 14.23 8.65 9.82
CA LYS A 42 14.26 7.29 9.32
C LYS A 42 12.85 6.88 8.92
N PRO A 43 12.62 6.48 7.68
CA PRO A 43 11.27 6.08 7.26
C PRO A 43 10.83 4.80 7.94
N GLY A 44 9.51 4.64 8.02
CA GLY A 44 8.89 3.45 8.56
C GLY A 44 8.65 2.41 7.49
N THR A 45 7.59 1.63 7.68
CA THR A 45 7.22 0.61 6.71
C THR A 45 7.08 1.20 5.31
N ASN A 46 6.46 2.38 5.20
CA ASN A 46 6.09 2.93 3.90
C ASN A 46 6.36 4.44 3.88
N GLY A 47 7.63 4.81 4.02
CA GLY A 47 8.06 6.19 3.86
C GLY A 47 8.20 6.93 5.17
N LEU A 48 8.78 8.11 5.07
CA LEU A 48 8.92 9.04 6.19
C LEU A 48 7.63 9.85 6.30
N ARG A 49 6.88 9.63 7.38
CA ARG A 49 5.58 10.28 7.57
C ARG A 49 5.63 11.17 8.81
N LYS A 50 5.27 12.43 8.63
CA LYS A 50 5.19 13.38 9.73
C LYS A 50 3.91 14.19 9.57
N LYS A 51 3.57 14.95 10.60
CA LYS A 51 2.62 16.03 10.43
C LYS A 51 3.08 16.95 9.32
N THR A 52 2.13 17.43 8.51
CA THR A 52 2.49 18.31 7.39
C THR A 52 3.30 19.50 7.87
N THR A 53 2.96 20.05 9.04
CA THR A 53 3.64 21.24 9.52
C THR A 53 5.12 20.99 9.80
N VAL A 54 5.52 19.74 10.07
CA VAL A 54 6.93 19.43 10.23
C VAL A 54 7.69 19.69 8.93
N PHE A 55 7.18 19.14 7.82
CA PHE A 55 7.82 19.37 6.52
C PHE A 55 7.70 20.82 6.10
N GLU A 56 6.58 21.47 6.42
CA GLU A 56 6.32 22.80 5.90
C GLU A 56 7.09 23.88 6.66
N SER A 57 7.32 23.71 7.96
CA SER A 57 7.78 24.81 8.79
C SER A 57 9.05 24.56 9.58
N LYS A 58 9.45 23.31 9.78
CA LYS A 58 10.74 23.05 10.43
C LYS A 58 11.86 23.33 9.43
N LYS A 59 12.72 24.28 9.77
CA LYS A 59 13.78 24.75 8.87
C LYS A 59 14.60 23.59 8.35
N ASN A 60 14.73 23.52 7.02
CA ASN A 60 15.54 22.55 6.31
C ASN A 60 15.14 21.10 6.55
N TYR A 61 14.00 20.85 7.20
CA TYR A 61 13.61 19.47 7.44
C TYR A 61 13.42 18.73 6.12
N LEU A 62 12.64 19.33 5.20
CA LEU A 62 12.38 18.70 3.91
C LEU A 62 13.65 18.60 3.08
N GLN A 63 14.44 19.68 3.03
CA GLN A 63 15.66 19.69 2.23
C GLN A 63 16.65 18.64 2.73
N ASN A 64 16.82 18.54 4.04
CA ASN A 64 17.73 17.54 4.61
C ASN A 64 17.35 16.14 4.14
N TYR A 65 16.05 15.83 4.15
CA TYR A 65 15.65 14.48 3.80
C TYR A 65 15.79 14.22 2.31
N ILE A 66 15.44 15.21 1.48
CA ILE A 66 15.60 15.05 0.04
C ILE A 66 17.07 14.85 -0.30
N GLN A 67 17.96 15.61 0.34
CA GLN A 67 19.39 15.43 0.11
C GLN A 67 19.84 14.03 0.54
N SER A 68 19.33 13.56 1.68
CA SER A 68 19.71 12.23 2.15
C SER A 68 19.26 11.15 1.18
N VAL A 69 18.05 11.29 0.61
CA VAL A 69 17.58 10.33 -0.38
C VAL A 69 18.48 10.36 -1.61
N LEU A 70 18.74 11.57 -2.12
CA LEU A 70 19.58 11.71 -3.30
C LEU A 70 20.98 11.17 -3.05
N SER A 71 21.51 11.36 -1.84
CA SER A 71 22.85 10.89 -1.52
C SER A 71 22.94 9.38 -1.33
N SER A 72 21.82 8.68 -1.21
CA SER A 72 21.85 7.23 -1.20
C SER A 72 21.97 6.63 -2.60
N ILE A 73 22.29 7.46 -3.59
CA ILE A 73 22.50 7.04 -4.98
C ILE A 73 23.94 7.35 -5.35
N ASP A 74 24.66 6.33 -5.83
CA ASP A 74 26.06 6.50 -6.22
C ASP A 74 26.21 7.66 -7.19
N LEU A 75 27.22 8.50 -6.95
CA LEU A 75 27.37 9.72 -7.74
C LEU A 75 27.55 9.41 -9.22
N ARG A 76 28.18 8.28 -9.55
CA ARG A 76 28.30 7.92 -10.95
C ARG A 76 26.99 7.36 -11.49
N ASP A 77 26.24 6.62 -10.65
CA ASP A 77 24.94 6.12 -11.05
C ASP A 77 23.87 7.19 -11.05
N ARG A 78 24.11 8.36 -10.44
CA ARG A 78 23.13 9.42 -10.44
C ARG A 78 23.37 10.43 -11.57
N GLN A 79 24.60 10.57 -12.04
CA GLN A 79 24.87 11.44 -13.15
C GLN A 79 24.14 10.94 -14.39
N GLY A 80 23.24 11.76 -14.92
CA GLY A 80 22.49 11.37 -16.09
C GLY A 80 21.40 10.33 -15.87
N CYS A 81 21.05 10.03 -14.61
CA CYS A 81 19.98 9.09 -14.37
C CYS A 81 18.63 9.80 -14.43
N THR A 82 17.56 9.00 -14.43
CA THR A 82 16.20 9.51 -14.42
C THR A 82 15.51 9.12 -13.11
N MET A 83 14.77 10.04 -12.53
CA MET A 83 13.93 9.74 -11.38
C MET A 83 12.49 10.14 -11.70
N VAL A 84 11.56 9.37 -11.16
CA VAL A 84 10.12 9.63 -11.29
C VAL A 84 9.65 10.29 -10.01
N VAL A 85 8.77 11.29 -10.13
CA VAL A 85 8.23 12.00 -8.97
C VAL A 85 6.73 12.14 -9.15
N GLY A 86 5.98 11.79 -8.12
CA GLY A 86 4.53 11.92 -8.15
C GLY A 86 4.00 12.09 -6.75
N SER A 87 2.73 12.52 -6.66
CA SER A 87 2.11 12.76 -5.37
C SER A 87 0.66 12.29 -5.42
N ASP A 88 0.07 12.12 -4.24
CA ASP A 88 -1.35 11.81 -4.15
C ASP A 88 -2.22 13.07 -4.19
N GLY A 89 -1.62 14.24 -4.38
CA GLY A 89 -2.35 15.48 -4.52
C GLY A 89 -2.56 16.26 -3.23
N ARG A 90 -2.19 15.71 -2.08
CA ARG A 90 -2.49 16.37 -0.81
C ARG A 90 -1.75 17.70 -0.68
N TYR A 91 -2.30 18.56 0.17
CA TYR A 91 -1.67 19.82 0.54
C TYR A 91 -0.18 19.64 0.79
N PHE A 92 0.61 20.55 0.22
CA PHE A 92 2.07 20.69 0.33
C PHE A 92 2.78 19.86 -0.74
N SER A 93 2.07 19.08 -1.55
CA SER A 93 2.72 18.27 -2.58
C SER A 93 3.44 19.14 -3.60
N ARG A 94 2.80 20.19 -4.09
CA ARG A 94 3.40 21.02 -5.13
C ARG A 94 4.67 21.71 -4.64
N THR A 95 4.68 22.10 -3.36
CA THR A 95 5.89 22.72 -2.81
C THR A 95 7.01 21.71 -2.67
N ALA A 96 6.70 20.51 -2.16
CA ALA A 96 7.71 19.47 -2.06
C ALA A 96 8.27 19.12 -3.44
N ILE A 97 7.40 19.04 -4.45
CA ILE A 97 7.86 18.71 -5.80
C ILE A 97 8.83 19.77 -6.31
N GLU A 98 8.48 21.04 -6.11
CA GLU A 98 9.37 22.13 -6.54
C GLU A 98 10.74 21.99 -5.90
N VAL A 99 10.78 21.76 -4.58
CA VAL A 99 12.05 21.60 -3.89
C VAL A 99 12.79 20.38 -4.41
N ILE A 100 12.06 19.28 -4.63
CA ILE A 100 12.67 18.06 -5.17
C ILE A 100 13.32 18.33 -6.51
N VAL A 101 12.65 19.07 -7.38
CA VAL A 101 13.21 19.36 -8.69
C VAL A 101 14.45 20.24 -8.55
N GLN A 102 14.38 21.24 -7.67
CA GLN A 102 15.53 22.12 -7.48
C GLN A 102 16.73 21.36 -6.91
N MET A 103 16.47 20.39 -6.04
CA MET A 103 17.58 19.67 -5.41
C MET A 103 18.10 18.55 -6.31
N ALA A 104 17.21 17.88 -7.05
CA ALA A 104 17.67 16.89 -8.01
C ALA A 104 18.57 17.54 -9.06
N ALA A 105 18.14 18.69 -9.58
CA ALA A 105 18.96 19.43 -10.54
C ALA A 105 20.32 19.75 -9.96
N ALA A 106 20.37 20.16 -8.68
CA ALA A 106 21.63 20.58 -8.09
C ALA A 106 22.54 19.39 -7.81
N ASN A 107 21.96 18.22 -7.56
CA ASN A 107 22.75 17.03 -7.27
C ASN A 107 23.07 16.20 -8.50
N GLY A 108 22.89 16.76 -9.70
CA GLY A 108 23.35 16.09 -10.91
C GLY A 108 22.42 15.06 -11.49
N ILE A 109 21.17 14.97 -11.02
CA ILE A 109 20.20 14.08 -11.64
C ILE A 109 19.94 14.56 -13.07
N GLY A 110 19.95 13.63 -14.02
CA GLY A 110 19.87 14.01 -15.41
C GLY A 110 18.47 14.41 -15.85
N ARG A 111 17.45 13.70 -15.36
CA ARG A 111 16.10 13.88 -15.86
C ARG A 111 15.09 13.56 -14.76
N LEU A 112 14.03 14.34 -14.70
CA LEU A 112 12.88 14.01 -13.87
C LEU A 112 11.66 13.80 -14.76
N VAL A 113 10.90 12.75 -14.44
CA VAL A 113 9.63 12.46 -15.09
C VAL A 113 8.56 12.68 -14.02
N ILE A 114 7.72 13.69 -14.21
CA ILE A 114 6.76 14.14 -13.20
C ILE A 114 5.35 14.03 -13.75
N GLY A 115 4.44 13.53 -12.92
CA GLY A 115 3.04 13.45 -13.34
C GLY A 115 2.44 14.84 -13.53
N HIS A 116 1.56 14.93 -14.52
CA HIS A 116 0.78 16.14 -14.78
C HIS A 116 0.16 16.67 -13.49
N ASN A 117 0.35 17.96 -13.23
CA ASN A 117 -0.17 18.64 -12.04
C ASN A 117 0.34 18.02 -10.74
N GLY A 118 1.47 17.31 -10.80
CA GLY A 118 2.00 16.61 -9.64
C GLY A 118 1.33 15.29 -9.33
N ILE A 119 0.39 14.84 -10.17
CA ILE A 119 -0.45 13.69 -9.85
C ILE A 119 0.15 12.43 -10.48
N LEU A 120 0.51 11.47 -9.64
CA LEU A 120 0.84 10.11 -10.08
C LEU A 120 0.47 9.16 -8.95
N SER A 121 -0.35 8.17 -9.25
CA SER A 121 -0.66 7.17 -8.25
C SER A 121 0.59 6.36 -7.93
N THR A 122 0.57 5.74 -6.75
CA THR A 122 1.69 4.87 -6.38
C THR A 122 1.87 3.71 -7.36
N PRO A 123 0.82 3.00 -7.82
CA PRO A 123 1.03 2.01 -8.88
C PRO A 123 1.58 2.61 -10.17
N ALA A 124 1.15 3.82 -10.54
CA ALA A 124 1.66 4.43 -11.76
C ALA A 124 3.14 4.75 -11.65
N VAL A 125 3.59 5.21 -10.48
CA VAL A 125 5.01 5.49 -10.28
C VAL A 125 5.83 4.22 -10.47
N SER A 126 5.37 3.12 -9.86
CA SER A 126 6.08 1.84 -9.99
C SER A 126 6.15 1.40 -11.43
N CYS A 127 5.02 1.50 -12.14
CA CYS A 127 4.96 1.16 -13.55
C CYS A 127 5.96 1.99 -14.36
N ILE A 128 5.97 3.30 -14.15
CA ILE A 128 6.80 4.19 -14.97
C ILE A 128 8.28 3.97 -14.68
N ILE A 129 8.64 3.80 -13.40
CA ILE A 129 10.02 3.48 -13.06
C ILE A 129 10.50 2.27 -13.86
N ARG A 130 9.71 1.20 -13.82
CA ARG A 130 10.12 -0.03 -14.50
C ARG A 130 10.13 0.14 -16.01
N LYS A 131 9.17 0.89 -16.55
CA LYS A 131 9.04 1.04 -17.99
C LYS A 131 10.20 1.80 -18.60
N ILE A 132 10.62 2.91 -17.97
CA ILE A 132 11.67 3.75 -18.52
C ILE A 132 13.03 3.47 -17.92
N LYS A 133 13.15 2.46 -17.06
CA LYS A 133 14.40 2.10 -16.43
C LYS A 133 14.96 3.25 -15.60
N ALA A 134 14.09 3.95 -14.89
CA ALA A 134 14.53 4.97 -13.96
C ALA A 134 15.31 4.35 -12.80
N ILE A 135 16.16 5.15 -12.18
CA ILE A 135 16.90 4.66 -11.03
C ILE A 135 16.00 4.52 -9.81
N GLY A 136 14.90 5.26 -9.78
CA GLY A 136 14.02 5.22 -8.64
C GLY A 136 12.95 6.29 -8.76
N GLY A 137 12.25 6.52 -7.65
CA GLY A 137 11.16 7.47 -7.66
C GLY A 137 10.88 7.99 -6.27
N ILE A 138 10.37 9.22 -6.21
CA ILE A 138 9.91 9.83 -4.96
C ILE A 138 8.41 10.02 -5.08
N ILE A 139 7.66 9.40 -4.17
CA ILE A 139 6.20 9.53 -4.12
C ILE A 139 5.85 10.35 -2.89
N LEU A 140 5.12 11.44 -3.09
CA LEU A 140 4.68 12.29 -1.99
C LEU A 140 3.28 11.83 -1.58
N THR A 141 3.20 11.06 -0.50
CA THR A 141 1.92 10.59 0.00
C THR A 141 2.08 10.15 1.45
N ALA A 142 1.03 10.39 2.24
CA ALA A 142 0.91 9.81 3.58
C ALA A 142 -0.19 8.74 3.58
N SEP A 143 -0.45 8.19 2.40
CA SEP A 143 -1.36 7.06 2.26
CB SEP A 143 -0.80 5.81 2.97
OG SEP A 143 -1.04 4.67 2.19
C SEP A 143 -2.76 7.39 2.78
O SEP A 143 -3.31 8.43 2.47
P SEP A 143 -0.54 3.32 2.89
O1P SEP A 143 1.05 3.16 2.71
O2P SEP A 143 -1.30 2.10 2.17
O3P SEP A 143 -0.91 3.32 4.45
N ARG A 144 -3.31 6.51 3.60
CA ARG A 144 -4.68 6.69 4.10
C ARG A 144 -4.79 7.82 5.13
N ASN A 145 -3.68 8.46 5.46
CA ASN A 145 -3.69 9.53 6.45
C ASN A 145 -4.28 10.81 5.86
N PRO A 146 -4.92 11.64 6.70
CA PRO A 146 -5.53 12.87 6.20
C PRO A 146 -4.51 13.88 5.70
N GLY A 147 -4.97 14.74 4.78
CA GLY A 147 -4.16 15.78 4.21
C GLY A 147 -4.70 17.16 4.55
N GLY A 148 -3.93 18.17 4.19
CA GLY A 148 -4.24 19.53 4.56
C GLY A 148 -3.16 20.11 5.44
N PRO A 149 -3.23 21.42 5.72
CA PRO A 149 -2.22 22.05 6.58
C PRO A 149 -2.11 21.43 7.96
N ASN A 150 -3.22 20.93 8.51
CA ASN A 150 -3.20 20.28 9.82
C ASN A 150 -3.14 18.77 9.72
N GLY A 151 -2.95 18.24 8.52
CA GLY A 151 -2.91 16.81 8.30
C GLY A 151 -1.50 16.27 8.28
N ASP A 152 -1.34 15.18 7.54
CA ASP A 152 -0.08 14.44 7.50
C ASP A 152 0.52 14.53 6.10
N PHE A 153 1.84 14.38 6.03
CA PHE A 153 2.57 14.41 4.78
C PHE A 153 3.63 13.32 4.85
N GLY A 154 3.93 12.73 3.70
CA GLY A 154 4.84 11.60 3.67
C GLY A 154 5.66 11.60 2.41
N ILE A 155 6.86 11.00 2.50
CA ILE A 155 7.76 10.90 1.38
C ILE A 155 8.18 9.44 1.27
N LYS A 156 7.78 8.79 0.18
CA LYS A 156 8.19 7.44 -0.16
C LYS A 156 9.34 7.51 -1.16
N PHE A 157 10.28 6.58 -1.04
CA PHE A 157 11.35 6.44 -2.02
C PHE A 157 11.29 5.02 -2.56
N ASN A 158 11.15 4.90 -3.87
CA ASN A 158 11.16 3.60 -4.53
C ASN A 158 12.43 3.48 -5.36
N VAL A 159 12.93 2.25 -5.49
CA VAL A 159 14.20 2.00 -6.13
C VAL A 159 13.98 1.49 -7.55
N ALA A 160 15.03 0.93 -8.16
CA ALA A 160 15.04 0.72 -9.60
C ALA A 160 14.06 -0.35 -10.05
N ASN A 161 13.74 -1.31 -9.19
CA ASN A 161 12.71 -2.27 -9.59
C ASN A 161 11.30 -1.70 -9.44
N GLY A 162 11.18 -0.42 -9.06
CA GLY A 162 9.88 0.21 -8.90
C GLY A 162 9.20 -0.07 -7.56
N GLY A 163 9.87 -0.78 -6.65
CA GLY A 163 9.29 -1.11 -5.37
C GLY A 163 9.86 -0.27 -4.25
N PRO A 164 9.29 -0.41 -3.05
CA PRO A 164 9.73 0.42 -1.92
C PRO A 164 11.20 0.17 -1.60
N ALA A 165 11.84 1.17 -1.02
CA ALA A 165 13.25 1.07 -0.70
C ALA A 165 13.48 -0.06 0.31
N PRO A 166 14.48 -0.91 0.10
CA PRO A 166 14.75 -2.00 1.04
C PRO A 166 15.42 -1.47 2.30
N ASP A 167 15.49 -2.36 3.31
CA ASP A 167 16.14 -2.00 4.56
C ASP A 167 17.56 -1.53 4.33
N THR A 168 18.25 -2.10 3.33
CA THR A 168 19.59 -1.64 2.97
C THR A 168 19.61 -0.15 2.67
N VAL A 169 18.64 0.34 1.90
CA VAL A 169 18.64 1.73 1.50
C VAL A 169 18.10 2.63 2.61
N ILE A 170 17.12 2.14 3.37
CA ILE A 170 16.58 2.92 4.49
C ILE A 170 17.69 3.28 5.47
N ASP A 171 18.60 2.34 5.73
CA ASP A 171 19.68 2.63 6.68
C ASP A 171 20.67 3.63 6.11
N LYS A 172 20.96 3.54 4.81
CA LYS A 172 21.86 4.50 4.19
C LYS A 172 21.27 5.90 4.22
N ILE A 173 19.98 6.01 3.95
CA ILE A 173 19.31 7.31 4.05
C ILE A 173 19.38 7.85 5.47
N HIS A 174 19.17 6.98 6.46
CA HIS A 174 19.16 7.44 7.85
C HIS A 174 20.54 7.94 8.28
N GLN A 175 21.58 7.16 8.00
CA GLN A 175 22.93 7.56 8.40
C GLN A 175 23.42 8.79 7.65
N VAL A 176 22.86 9.06 6.46
CA VAL A 176 23.18 10.33 5.81
C VAL A 176 22.41 11.47 6.46
N SER A 177 21.17 11.21 6.89
CA SER A 177 20.35 12.29 7.44
C SER A 177 20.83 12.71 8.82
N ARG A 178 21.27 11.75 9.65
CA ARG A 178 21.67 12.06 11.01
C ARG A 178 23.05 12.73 11.07
N THR A 179 23.81 12.74 9.98
CA THR A 179 25.11 13.38 9.94
C THR A 179 25.19 14.51 8.92
N LEU A 180 24.10 14.79 8.21
CA LEU A 180 24.13 15.75 7.11
C LEU A 180 24.55 17.13 7.60
N GLU A 181 25.47 17.76 6.86
CA GLU A 181 25.94 19.09 7.20
C GLU A 181 25.66 20.14 6.13
N GLU A 182 25.40 19.74 4.89
CA GLU A 182 25.05 20.69 3.85
C GLU A 182 24.18 20.00 2.81
N TYR A 183 23.51 20.80 1.99
CA TYR A 183 22.73 20.29 0.87
C TYR A 183 22.82 21.29 -0.28
N ALA A 184 22.55 20.80 -1.48
CA ALA A 184 22.63 21.62 -2.69
C ALA A 184 21.25 21.80 -3.30
N ILE A 185 21.00 22.98 -3.87
CA ILE A 185 19.69 23.32 -4.40
C ILE A 185 19.85 24.41 -5.45
N CYS A 186 18.96 24.41 -6.44
CA CYS A 186 18.89 25.46 -7.45
C CYS A 186 17.64 26.31 -7.19
N PRO A 187 17.71 27.25 -6.25
CA PRO A 187 16.48 27.92 -5.78
C PRO A 187 15.80 28.77 -6.83
N ASP A 188 16.50 29.21 -7.86
CA ASP A 188 15.88 30.08 -8.87
C ASP A 188 15.06 29.30 -9.88
N MET A 189 15.14 27.97 -9.87
CA MET A 189 14.43 27.17 -10.85
C MET A 189 12.93 27.18 -10.58
N ARG A 190 12.16 27.30 -11.66
CA ARG A 190 10.70 27.25 -11.60
C ARG A 190 10.20 26.20 -12.59
N ILE A 191 9.26 25.38 -12.15
CA ILE A 191 8.74 24.28 -12.96
C ILE A 191 7.23 24.40 -13.04
N ASP A 192 6.69 24.25 -14.26
CA ASP A 192 5.25 24.35 -14.52
C ASP A 192 4.68 22.94 -14.62
N LEU A 193 3.99 22.50 -13.57
CA LEU A 193 3.40 21.17 -13.55
C LEU A 193 2.13 21.06 -14.39
N SER A 194 1.59 22.18 -14.88
CA SER A 194 0.30 22.19 -15.54
C SER A 194 0.37 21.90 -17.03
N ARG A 195 1.54 21.98 -17.66
CA ARG A 195 1.68 21.78 -19.09
C ARG A 195 2.43 20.47 -19.36
N LEU A 196 1.81 19.58 -20.12
CA LEU A 196 2.49 18.38 -20.58
C LEU A 196 3.66 18.75 -21.47
N GLY A 197 4.71 17.93 -21.45
CA GLY A 197 5.82 18.08 -22.35
C GLY A 197 7.14 18.28 -21.63
N ARG A 198 8.14 18.70 -22.40
CA ARG A 198 9.53 18.78 -21.95
C ARG A 198 9.89 20.21 -21.56
N GLN A 199 10.65 20.34 -20.47
CA GLN A 199 11.23 21.60 -20.05
C GLN A 199 12.70 21.36 -19.75
N ASP A 200 13.58 22.01 -20.50
CA ASP A 200 15.02 21.92 -20.30
C ASP A 200 15.53 23.14 -19.57
N PHE A 201 16.61 22.95 -18.82
CA PHE A 201 17.21 24.00 -18.00
C PHE A 201 18.73 23.93 -18.14
N ASP A 202 19.35 25.07 -18.43
CA ASP A 202 20.81 25.16 -18.35
C ASP A 202 21.21 25.42 -16.90
N LEU A 203 22.02 24.54 -16.33
CA LEU A 203 22.55 24.74 -15.00
C LEU A 203 24.03 25.13 -15.06
N GLU A 204 24.46 25.94 -14.09
CA GLU A 204 25.88 26.24 -13.97
C GLU A 204 26.66 24.98 -13.64
N ASN A 205 27.75 24.75 -14.37
CA ASN A 205 28.68 23.64 -14.16
C ASN A 205 28.07 22.29 -14.50
N LYS A 206 27.01 22.26 -15.31
CA LYS A 206 26.47 21.01 -15.85
C LYS A 206 26.45 21.12 -17.37
N PHE A 207 27.09 20.15 -18.04
CA PHE A 207 27.22 20.27 -19.49
C PHE A 207 25.88 20.05 -20.19
N LYS A 208 25.24 18.91 -19.94
CA LYS A 208 23.93 18.65 -20.52
C LYS A 208 22.88 19.49 -19.79
N PRO A 209 21.83 19.91 -20.49
CA PRO A 209 20.71 20.55 -19.80
C PRO A 209 20.00 19.57 -18.89
N PHE A 210 19.52 20.08 -17.75
CA PHE A 210 18.67 19.31 -16.85
C PHE A 210 17.28 19.24 -17.46
N ARG A 211 16.73 18.04 -17.57
CA ARG A 211 15.49 17.81 -18.31
C ARG A 211 14.35 17.42 -17.38
N VAL A 212 13.21 18.08 -17.53
CA VAL A 212 11.98 17.70 -16.84
C VAL A 212 10.93 17.36 -17.89
N GLU A 213 10.35 16.17 -17.79
CA GLU A 213 9.22 15.74 -18.61
C GLU A 213 7.97 15.71 -17.73
N ILE A 214 6.97 16.50 -18.08
CA ILE A 214 5.65 16.40 -17.46
C ILE A 214 4.83 15.45 -18.32
N VAL A 215 4.39 14.34 -17.72
CA VAL A 215 3.73 13.27 -18.46
C VAL A 215 2.28 13.13 -18.01
N ASP A 216 1.44 12.64 -18.93
CA ASP A 216 0.07 12.31 -18.58
C ASP A 216 0.06 11.36 -17.41
N SER A 217 -0.79 11.65 -16.42
CA SER A 217 -0.80 10.84 -15.19
C SER A 217 -1.17 9.39 -15.47
N VAL A 218 -1.95 9.14 -16.51
CA VAL A 218 -2.62 7.86 -16.67
C VAL A 218 -2.05 7.01 -17.81
N GLU A 219 -1.51 7.64 -18.86
CA GLU A 219 -1.35 6.95 -20.14
C GLU A 219 -0.48 5.69 -20.03
N VAL A 220 0.72 5.82 -19.49
CA VAL A 220 1.66 4.70 -19.48
C VAL A 220 1.15 3.58 -18.56
N TYR A 221 0.54 3.96 -17.43
CA TYR A 221 -0.06 2.96 -16.55
C TYR A 221 -1.20 2.23 -17.24
N LEU A 222 -2.07 2.98 -17.92
CA LEU A 222 -3.14 2.37 -18.69
C LEU A 222 -2.61 1.41 -19.74
N ASN A 223 -1.53 1.79 -20.43
CA ASN A 223 -0.95 0.90 -21.44
C ASN A 223 -0.52 -0.43 -20.82
N LEU A 224 0.03 -0.40 -19.62
CA LEU A 224 0.38 -1.66 -18.96
C LEU A 224 -0.88 -2.48 -18.69
N LEU A 225 -1.91 -1.85 -18.11
CA LEU A 225 -3.13 -2.58 -17.79
C LEU A 225 -3.77 -3.21 -19.02
N ARG A 226 -3.67 -2.55 -20.18
CA ARG A 226 -4.31 -3.05 -21.40
C ARG A 226 -3.73 -4.39 -21.84
N GLY A 227 -2.44 -4.62 -21.56
CA GLY A 227 -1.83 -5.88 -21.93
C GLY A 227 -2.04 -7.01 -20.92
N ILE A 228 -2.47 -6.67 -19.71
CA ILE A 228 -2.73 -7.68 -18.68
C ILE A 228 -4.15 -8.21 -18.77
N PHE A 229 -5.11 -7.32 -18.94
CA PHE A 229 -6.52 -7.67 -18.86
C PHE A 229 -7.15 -7.71 -20.25
N ASP A 230 -8.32 -8.35 -20.30
CA ASP A 230 -9.14 -8.40 -21.51
C ASP A 230 -10.13 -7.25 -21.42
N PHE A 231 -9.73 -6.09 -21.96
CA PHE A 231 -10.57 -4.91 -21.84
C PHE A 231 -11.91 -5.06 -22.56
N ASN A 232 -11.94 -5.83 -23.66
CA ASN A 232 -13.21 -6.09 -24.33
C ASN A 232 -14.19 -6.79 -23.40
N ALA A 233 -13.72 -7.81 -22.67
CA ALA A 233 -14.58 -8.54 -21.75
C ALA A 233 -15.10 -7.64 -20.63
N ILE A 234 -14.20 -6.84 -20.04
CA ILE A 234 -14.61 -5.95 -18.95
C ILE A 234 -15.61 -4.92 -19.47
N LYS A 235 -15.33 -4.34 -20.65
CA LYS A 235 -16.24 -3.37 -21.23
C LYS A 235 -17.62 -3.97 -21.46
N GLY A 236 -17.68 -5.23 -21.91
CA GLY A 236 -18.96 -5.89 -22.09
C GLY A 236 -19.74 -6.02 -20.79
N LEU A 237 -19.04 -6.20 -19.67
CA LEU A 237 -19.72 -6.28 -18.37
C LEU A 237 -20.30 -4.94 -17.98
N LEU A 238 -19.61 -3.85 -18.31
CA LEU A 238 -19.99 -2.52 -17.84
C LEU A 238 -20.96 -1.80 -18.77
N THR A 239 -21.29 -2.37 -19.92
CA THR A 239 -22.15 -1.72 -20.89
C THR A 239 -23.26 -2.67 -21.33
N GLY A 240 -24.20 -2.13 -22.12
CA GLY A 240 -25.29 -2.91 -22.62
C GLY A 240 -26.47 -2.92 -21.67
N PRO A 241 -27.53 -3.65 -22.03
CA PRO A 241 -28.76 -3.58 -21.23
C PRO A 241 -28.63 -4.21 -19.85
N ASP A 242 -27.82 -5.26 -19.72
CA ASP A 242 -27.64 -5.95 -18.44
C ASP A 242 -26.38 -5.47 -17.71
N GLN A 243 -25.99 -4.22 -17.93
CA GLN A 243 -24.69 -3.75 -17.46
C GLN A 243 -24.62 -3.74 -15.94
N LEU A 244 -23.43 -4.05 -15.43
CA LEU A 244 -23.16 -3.95 -14.01
C LEU A 244 -23.28 -2.50 -13.56
N LYS A 245 -24.09 -2.26 -12.55
CA LYS A 245 -24.23 -0.93 -11.96
C LYS A 245 -23.19 -0.79 -10.85
N MET A 246 -22.37 0.24 -10.96
CA MET A 246 -21.10 0.31 -10.25
C MET A 246 -20.92 1.69 -9.65
N ARG A 247 -20.36 1.74 -8.45
N ARG A 247 -20.32 1.74 -8.46
CA ARG A 247 -19.96 2.99 -7.82
CA ARG A 247 -19.96 3.00 -7.82
C ARG A 247 -18.52 2.86 -7.36
C ARG A 247 -18.53 2.89 -7.33
N VAL A 248 -17.64 3.73 -7.87
CA VAL A 248 -16.22 3.68 -7.57
C VAL A 248 -15.82 4.99 -6.92
N ASP A 249 -15.42 4.92 -5.65
CA ASP A 249 -15.14 6.10 -4.83
C ASP A 249 -13.63 6.26 -4.73
N ALA A 250 -13.09 7.31 -5.34
CA ALA A 250 -11.68 7.64 -5.24
C ALA A 250 -11.34 8.49 -4.02
N MET A 251 -12.34 8.77 -3.18
CA MET A 251 -12.16 9.48 -1.91
C MET A 251 -11.43 10.81 -2.09
N SER A 252 -11.66 11.46 -3.24
CA SER A 252 -11.08 12.77 -3.53
C SER A 252 -9.56 12.74 -3.49
N GLY A 253 -8.97 11.57 -3.76
CA GLY A 253 -7.53 11.42 -3.81
C GLY A 253 -6.97 11.28 -5.21
N VAL A 254 -5.83 10.58 -5.34
CA VAL A 254 -5.12 10.55 -6.61
C VAL A 254 -5.85 9.76 -7.69
N MET A 255 -6.74 8.83 -7.34
CA MET A 255 -7.29 7.90 -8.33
C MET A 255 -8.35 8.50 -9.22
N GLY A 256 -8.78 9.74 -8.95
CA GLY A 256 -9.82 10.39 -9.72
C GLY A 256 -9.65 10.26 -11.23
N PRO A 257 -8.57 10.82 -11.78
CA PRO A 257 -8.40 10.76 -13.24
C PRO A 257 -8.20 9.34 -13.76
N TYR A 258 -7.65 8.45 -12.95
CA TYR A 258 -7.51 7.05 -13.37
C TYR A 258 -8.88 6.40 -13.56
N VAL A 259 -9.78 6.62 -12.60
CA VAL A 259 -11.14 6.08 -12.71
C VAL A 259 -11.84 6.62 -13.95
N ARG A 260 -11.79 7.95 -14.14
CA ARG A 260 -12.51 8.56 -15.26
C ARG A 260 -11.92 8.14 -16.60
N ARG A 261 -10.59 8.11 -16.70
N ARG A 261 -10.59 8.13 -16.72
CA ARG A 261 -9.96 7.78 -17.98
CA ARG A 261 -9.98 7.78 -18.00
C ARG A 261 -10.08 6.30 -18.31
C ARG A 261 -10.14 6.29 -18.31
N ILE A 262 -9.98 5.43 -17.30
CA ILE A 262 -9.94 3.99 -17.54
C ILE A 262 -11.32 3.34 -17.45
N LEU A 263 -12.00 3.51 -16.31
CA LEU A 263 -13.27 2.82 -16.13
C LEU A 263 -14.38 3.47 -16.94
N CYS A 264 -14.38 4.80 -17.05
CA CYS A 264 -15.43 5.50 -17.79
C CYS A 264 -15.09 5.66 -19.26
N ASP A 265 -14.01 6.38 -19.57
CA ASP A 265 -13.68 6.66 -20.98
C ASP A 265 -13.34 5.39 -21.72
N GLU A 266 -12.38 4.61 -21.21
CA GLU A 266 -11.89 3.45 -21.94
C GLU A 266 -12.84 2.25 -21.84
N LEU A 267 -13.43 2.01 -20.67
CA LEU A 267 -14.22 0.81 -20.45
C LEU A 267 -15.72 1.06 -20.48
N GLY A 268 -16.15 2.31 -20.62
CA GLY A 268 -17.54 2.60 -20.92
C GLY A 268 -18.47 2.79 -19.75
N ALA A 269 -17.96 2.85 -18.52
CA ALA A 269 -18.84 3.04 -17.38
C ALA A 269 -19.42 4.46 -17.41
N PRO A 270 -20.70 4.63 -17.06
CA PRO A 270 -21.29 5.97 -17.05
C PRO A 270 -20.60 6.87 -16.03
N ALA A 271 -20.69 8.18 -16.27
CA ALA A 271 -19.95 9.14 -15.44
C ALA A 271 -20.41 9.12 -13.98
N ASN A 272 -21.66 8.76 -13.72
CA ASN A 272 -22.10 8.69 -12.34
C ASN A 272 -21.53 7.47 -11.61
N SER A 273 -20.81 6.59 -12.30
CA SER A 273 -20.05 5.56 -11.62
C SER A 273 -18.86 6.15 -10.85
N ALA A 274 -18.34 7.29 -11.29
CA ALA A 274 -17.12 7.87 -10.75
C ALA A 274 -17.47 8.84 -9.64
N VAL A 275 -17.16 8.47 -8.40
CA VAL A 275 -17.55 9.25 -7.23
C VAL A 275 -16.31 9.83 -6.57
N ASN A 276 -16.37 11.11 -6.23
CA ASN A 276 -15.28 11.81 -5.57
C ASN A 276 -13.98 11.69 -6.37
N CYS A 277 -14.10 11.87 -7.68
CA CYS A 277 -13.00 11.66 -8.61
C CYS A 277 -12.31 12.95 -9.04
N VAL A 278 -12.39 13.99 -8.23
CA VAL A 278 -11.57 15.19 -8.37
C VAL A 278 -10.56 15.18 -7.22
N PRO A 279 -9.26 15.09 -7.51
CA PRO A 279 -8.26 15.13 -6.42
C PRO A 279 -8.32 16.45 -5.68
N LEU A 280 -8.34 16.36 -4.34
CA LEU A 280 -8.39 17.54 -3.49
C LEU A 280 -7.23 17.50 -2.50
N GLU A 281 -6.72 18.69 -2.17
CA GLU A 281 -5.56 18.79 -1.29
C GLU A 281 -5.87 18.36 0.14
N ASP A 282 -7.14 18.35 0.54
CA ASP A 282 -7.55 17.86 1.85
C ASP A 282 -8.43 16.62 1.74
N PHE A 283 -8.46 16.00 0.55
CA PHE A 283 -9.32 14.84 0.28
C PHE A 283 -10.77 15.12 0.68
N GLY A 284 -11.21 16.35 0.48
CA GLY A 284 -12.58 16.72 0.82
C GLY A 284 -12.87 16.83 2.29
N GLY A 285 -11.85 16.87 3.14
CA GLY A 285 -12.06 16.92 4.58
C GLY A 285 -12.30 15.58 5.23
N HIS A 286 -12.03 14.49 4.52
CA HIS A 286 -12.32 13.15 5.01
C HIS A 286 -11.05 12.32 4.95
N TYR A 287 -11.02 11.27 5.76
CA TYR A 287 -9.90 10.34 5.74
C TYR A 287 -9.96 9.53 4.45
N PRO A 288 -8.94 9.57 3.61
CA PRO A 288 -8.95 8.76 2.37
C PRO A 288 -8.57 7.31 2.64
N ASP A 289 -9.37 6.64 3.46
CA ASP A 289 -9.09 5.29 3.94
C ASP A 289 -10.21 4.34 3.53
N PRO A 290 -9.97 3.37 2.64
CA PRO A 290 -11.05 2.50 2.18
C PRO A 290 -11.34 1.36 3.14
N ASN A 291 -12.40 1.52 3.94
CA ASN A 291 -12.93 0.44 4.77
C ASN A 291 -14.34 0.82 5.20
N LEU A 292 -15.00 -0.06 5.95
CA LEU A 292 -16.37 0.22 6.35
C LEU A 292 -16.46 1.40 7.31
N THR A 293 -15.38 1.69 8.03
CA THR A 293 -15.43 2.76 9.02
C THR A 293 -15.37 4.14 8.38
N TYR A 294 -14.57 4.30 7.32
CA TYR A 294 -14.33 5.63 6.76
C TYR A 294 -14.91 5.85 5.37
N ALA A 295 -15.19 4.79 4.61
CA ALA A 295 -15.84 4.94 3.31
C ALA A 295 -17.36 4.94 3.44
N THR A 296 -17.87 5.79 4.35
CA THR A 296 -19.29 5.75 4.71
C THR A 296 -20.17 6.13 3.53
N GLY A 297 -19.73 7.13 2.74
CA GLY A 297 -20.50 7.51 1.57
C GLY A 297 -20.72 6.37 0.60
N LEU A 298 -19.68 5.56 0.37
CA LEU A 298 -19.83 4.41 -0.53
C LEU A 298 -20.71 3.34 0.10
N VAL A 299 -20.49 3.04 1.38
CA VAL A 299 -21.28 2.00 2.03
C VAL A 299 -22.76 2.38 2.00
N ASP A 300 -23.06 3.66 2.28
CA ASP A 300 -24.44 4.11 2.31
C ASP A 300 -25.10 3.98 0.94
N ALA A 301 -24.37 4.29 -0.14
CA ALA A 301 -24.94 4.13 -1.46
C ALA A 301 -25.09 2.66 -1.83
N MET A 302 -24.14 1.81 -1.43
CA MET A 302 -24.26 0.39 -1.71
C MET A 302 -25.39 -0.27 -0.93
N LYS A 303 -25.65 0.20 0.29
CA LYS A 303 -26.72 -0.40 1.10
C LYS A 303 -28.08 -0.22 0.44
N GLY A 304 -28.24 0.81 -0.40
CA GLY A 304 -29.52 1.07 -1.06
C GLY A 304 -29.99 -0.02 -2.00
N GLY A 305 -29.10 -0.96 -2.38
CA GLY A 305 -29.48 -2.08 -3.21
C GLY A 305 -29.37 -1.86 -4.71
N GLU A 306 -29.08 -0.65 -5.16
CA GLU A 306 -29.13 -0.34 -6.59
C GLU A 306 -27.84 -0.64 -7.34
N PHE A 307 -26.78 -1.12 -6.67
CA PHE A 307 -25.50 -1.33 -7.33
C PHE A 307 -25.01 -2.74 -7.03
N GLY A 308 -24.49 -3.40 -8.07
CA GLY A 308 -23.91 -4.72 -7.88
C GLY A 308 -22.44 -4.72 -7.51
N PHE A 309 -21.77 -3.58 -7.60
CA PHE A 309 -20.34 -3.55 -7.37
C PHE A 309 -19.93 -2.17 -6.86
N GLY A 310 -19.16 -2.14 -5.79
CA GLY A 310 -18.63 -0.90 -5.25
C GLY A 310 -17.18 -1.06 -4.88
N ALA A 311 -16.45 0.05 -4.97
CA ALA A 311 -15.02 0.03 -4.65
C ALA A 311 -14.59 1.39 -4.14
N ALA A 312 -13.66 1.39 -3.18
CA ALA A 312 -13.04 2.62 -2.70
C ALA A 312 -11.54 2.44 -2.68
N PHE A 313 -10.82 3.53 -2.99
CA PHE A 313 -9.37 3.55 -3.02
C PHE A 313 -8.86 4.47 -1.91
N ASP A 314 -7.63 4.23 -1.45
CA ASP A 314 -7.00 5.19 -0.56
C ASP A 314 -6.33 6.29 -1.37
N ALA A 315 -5.65 7.19 -0.66
CA ALA A 315 -5.21 8.45 -1.24
C ALA A 315 -4.28 8.24 -2.43
N ASP A 316 -3.35 7.28 -2.34
CA ASP A 316 -2.37 7.07 -3.40
C ASP A 316 -2.69 5.87 -4.28
N GLY A 317 -3.87 5.26 -4.12
CA GLY A 317 -4.37 4.33 -5.09
C GLY A 317 -3.81 2.92 -5.03
N ASP A 318 -3.12 2.55 -3.94
CA ASP A 318 -2.63 1.18 -3.85
C ASP A 318 -3.49 0.30 -2.94
N ARG A 319 -4.47 0.86 -2.23
CA ARG A 319 -5.42 0.07 -1.45
C ARG A 319 -6.80 0.10 -2.10
N CYS A 320 -7.58 -0.97 -1.88
CA CYS A 320 -8.91 -1.05 -2.45
C CYS A 320 -9.83 -1.90 -1.58
N MET A 321 -11.00 -1.36 -1.24
CA MET A 321 -12.09 -2.14 -0.65
C MET A 321 -13.10 -2.47 -1.74
N ILE A 322 -13.54 -3.73 -1.77
CA ILE A 322 -14.50 -4.22 -2.75
C ILE A 322 -15.79 -4.55 -2.02
N LEU A 323 -16.91 -4.01 -2.51
CA LEU A 323 -18.24 -4.27 -1.96
C LEU A 323 -19.13 -4.89 -3.01
N GLY A 324 -19.98 -5.83 -2.57
CA GLY A 324 -21.00 -6.40 -3.43
C GLY A 324 -22.33 -5.70 -3.26
N GLN A 325 -23.35 -6.29 -3.86
CA GLN A 325 -24.71 -5.76 -3.75
C GLN A 325 -25.16 -5.71 -2.30
N ASN A 326 -25.92 -4.67 -1.95
CA ASN A 326 -26.36 -4.42 -0.57
C ASN A 326 -25.19 -4.25 0.39
N ALA A 327 -24.05 -3.77 -0.14
CA ALA A 327 -22.84 -3.52 0.63
C ALA A 327 -22.28 -4.78 1.30
N PHE A 328 -22.45 -5.93 0.63
CA PHE A 328 -21.75 -7.14 1.05
C PHE A 328 -20.25 -6.87 1.09
N PHE A 329 -19.63 -7.11 2.25
CA PHE A 329 -18.24 -6.74 2.48
C PHE A 329 -17.32 -7.91 2.07
N VAL A 330 -16.42 -7.65 1.14
CA VAL A 330 -15.41 -8.64 0.76
C VAL A 330 -14.21 -8.44 1.68
N ASN A 331 -14.05 -9.33 2.65
CA ASN A 331 -12.90 -9.25 3.54
C ASN A 331 -11.62 -9.26 2.71
N PRO A 332 -10.67 -8.36 2.97
CA PRO A 332 -9.48 -8.30 2.12
C PRO A 332 -8.70 -9.60 2.08
N SER A 333 -8.70 -10.38 3.16
CA SER A 333 -8.03 -11.68 3.14
C SER A 333 -8.78 -12.69 2.30
N ASP A 334 -10.10 -12.53 2.18
CA ASP A 334 -10.89 -13.35 1.25
C ASP A 334 -10.72 -12.89 -0.18
N SER A 335 -10.66 -11.57 -0.40
CA SER A 335 -10.35 -11.05 -1.73
C SER A 335 -9.09 -11.72 -2.27
N LEU A 336 -8.05 -11.80 -1.43
CA LEU A 336 -6.79 -12.40 -1.83
C LEU A 336 -6.96 -13.84 -2.26
N ALA A 337 -7.69 -14.64 -1.46
CA ALA A 337 -7.87 -16.05 -1.80
C ALA A 337 -8.76 -16.21 -3.02
N VAL A 338 -9.84 -15.45 -3.10
CA VAL A 338 -10.78 -15.59 -4.22
C VAL A 338 -10.06 -15.30 -5.54
N VAL A 339 -9.35 -14.18 -5.61
CA VAL A 339 -8.66 -13.83 -6.85
C VAL A 339 -7.61 -14.87 -7.19
N ALA A 340 -6.87 -15.34 -6.18
CA ALA A 340 -5.85 -16.36 -6.42
C ALA A 340 -6.45 -17.61 -7.06
N ALA A 341 -7.66 -18.00 -6.65
CA ALA A 341 -8.30 -19.19 -7.19
C ALA A 341 -8.86 -18.99 -8.59
N ASN A 342 -8.91 -17.75 -9.08
CA ASN A 342 -9.55 -17.44 -10.35
C ASN A 342 -8.62 -16.74 -11.32
N LEU A 343 -7.30 -16.84 -11.10
CA LEU A 343 -6.35 -16.19 -11.98
C LEU A 343 -6.43 -16.70 -13.42
N SER A 344 -6.99 -17.88 -13.65
CA SER A 344 -7.16 -18.37 -15.01
C SER A 344 -8.05 -17.46 -15.84
N CYS A 345 -8.91 -16.66 -15.21
CA CYS A 345 -9.80 -15.75 -15.93
C CYS A 345 -9.06 -14.59 -16.58
N ILE A 346 -7.76 -14.44 -16.32
CA ILE A 346 -7.00 -13.26 -16.72
C ILE A 346 -6.04 -13.67 -17.83
N PRO A 347 -6.03 -12.99 -18.98
CA PRO A 347 -5.11 -13.36 -20.06
C PRO A 347 -3.66 -13.43 -19.63
N TYR A 348 -3.21 -12.47 -18.81
CA TYR A 348 -1.83 -12.43 -18.34
C TYR A 348 -1.40 -13.75 -17.73
N PHE A 349 -2.17 -14.25 -16.76
CA PHE A 349 -1.78 -15.45 -16.05
C PHE A 349 -1.97 -16.72 -16.87
N ARG A 350 -2.86 -16.70 -17.86
CA ARG A 350 -2.92 -17.81 -18.82
C ARG A 350 -1.61 -17.96 -19.58
N GLN A 351 -1.00 -16.83 -19.95
CA GLN A 351 0.19 -16.87 -20.79
C GLN A 351 1.46 -17.14 -19.98
N VAL A 352 1.61 -16.53 -18.81
CA VAL A 352 2.85 -16.65 -18.06
C VAL A 352 2.74 -17.63 -16.89
N GLY A 353 1.56 -18.15 -16.61
CA GLY A 353 1.39 -19.09 -15.52
C GLY A 353 1.46 -18.41 -14.16
N VAL A 354 1.31 -19.23 -13.12
CA VAL A 354 1.25 -18.76 -11.73
C VAL A 354 2.41 -19.43 -10.99
N ARG A 355 3.40 -18.62 -10.63
CA ARG A 355 4.64 -19.14 -10.03
C ARG A 355 4.53 -19.37 -8.53
N GLY A 356 3.72 -18.57 -7.84
CA GLY A 356 3.64 -18.64 -6.39
C GLY A 356 2.81 -17.53 -5.80
N PHE A 357 2.37 -17.70 -4.56
CA PHE A 357 1.58 -16.72 -3.83
C PHE A 357 2.37 -16.22 -2.62
N ALA A 358 1.99 -15.04 -2.14
CA ALA A 358 2.56 -14.52 -0.90
C ALA A 358 1.51 -13.71 -0.16
N ARG A 359 1.52 -13.82 1.16
CA ARG A 359 0.73 -12.95 2.02
C ARG A 359 1.59 -12.52 3.18
N SER A 360 1.18 -11.44 3.83
CA SER A 360 1.85 -11.08 5.07
C SER A 360 1.40 -12.03 6.18
N MET A 361 2.24 -12.16 7.20
CA MET A 361 1.95 -13.09 8.28
C MET A 361 0.60 -12.82 8.96
N PRO A 362 0.21 -11.59 9.27
CA PRO A 362 -1.11 -11.39 9.90
C PRO A 362 -2.29 -11.60 8.98
N THR A 363 -2.09 -11.65 7.65
CA THR A 363 -3.19 -11.90 6.72
C THR A 363 -3.73 -13.32 6.92
N SER A 364 -5.04 -13.49 6.76
CA SER A 364 -5.64 -14.80 6.98
C SER A 364 -5.08 -15.84 6.03
N THR A 365 -5.11 -17.10 6.48
CA THR A 365 -4.58 -18.23 5.73
C THR A 365 -5.56 -18.76 4.69
N ALA A 366 -6.59 -17.99 4.32
CA ALA A 366 -7.47 -18.43 3.24
C ALA A 366 -6.69 -18.73 1.97
N ILE A 367 -5.72 -17.88 1.61
CA ILE A 367 -4.99 -18.10 0.37
C ILE A 367 -4.12 -19.36 0.45
N ASP A 368 -3.67 -19.73 1.65
CA ASP A 368 -2.92 -20.98 1.79
C ASP A 368 -3.74 -22.17 1.35
N ARG A 369 -5.05 -22.15 1.61
CA ARG A 369 -5.91 -23.26 1.18
C ARG A 369 -6.01 -23.33 -0.33
N VAL A 370 -6.00 -22.18 -0.99
CA VAL A 370 -5.98 -22.16 -2.45
C VAL A 370 -4.64 -22.69 -2.96
N ALA A 371 -3.55 -22.24 -2.34
CA ALA A 371 -2.23 -22.67 -2.77
C ALA A 371 -2.07 -24.18 -2.62
N LYS A 372 -2.60 -24.75 -1.54
CA LYS A 372 -2.52 -26.20 -1.37
C LYS A 372 -3.30 -26.92 -2.48
N ALA A 373 -4.52 -26.46 -2.76
CA ALA A 373 -5.34 -27.12 -3.77
C ALA A 373 -4.72 -26.98 -5.15
N MET A 374 -4.09 -25.85 -5.44
CA MET A 374 -3.48 -25.61 -6.74
C MET A 374 -2.04 -26.11 -6.82
N LYS A 375 -1.50 -26.64 -5.72
CA LYS A 375 -0.12 -27.09 -5.65
C LYS A 375 0.84 -25.97 -6.04
N VAL A 376 0.62 -24.81 -5.42
CA VAL A 376 1.42 -23.61 -5.65
C VAL A 376 2.09 -23.22 -4.33
N ALA A 377 3.33 -22.74 -4.42
CA ALA A 377 4.02 -22.26 -3.23
C ALA A 377 3.33 -21.01 -2.68
N VAL A 378 3.34 -20.87 -1.36
CA VAL A 378 2.84 -19.67 -0.70
C VAL A 378 3.86 -19.23 0.34
N TYR A 379 4.24 -17.96 0.30
CA TYR A 379 5.17 -17.39 1.25
C TYR A 379 4.44 -16.54 2.28
N GLU A 380 5.06 -16.40 3.45
CA GLU A 380 4.50 -15.65 4.57
C GLU A 380 5.53 -14.62 4.98
N THR A 381 5.27 -13.36 4.69
CA THR A 381 6.24 -12.28 4.90
C THR A 381 5.85 -11.39 6.07
N PRO A 382 6.75 -10.51 6.51
CA PRO A 382 6.31 -9.44 7.42
C PRO A 382 5.34 -8.51 6.72
N ALA A 383 4.60 -7.76 7.53
CA ALA A 383 3.74 -6.72 6.97
C ALA A 383 4.57 -5.72 6.16
N GLY A 384 4.02 -5.28 5.03
CA GLY A 384 4.71 -4.32 4.19
C GLY A 384 5.02 -4.85 2.81
N TRP A 385 4.78 -4.05 1.77
CA TRP A 385 4.95 -4.56 0.42
C TRP A 385 6.41 -4.78 0.06
N ARG A 386 7.35 -4.14 0.77
CA ARG A 386 8.75 -4.24 0.38
C ARG A 386 9.26 -5.67 0.39
N PHE A 387 8.67 -6.54 1.23
CA PHE A 387 9.15 -7.92 1.29
C PHE A 387 8.64 -8.78 0.14
N PHE A 388 7.56 -8.38 -0.54
CA PHE A 388 7.14 -9.11 -1.73
C PHE A 388 8.04 -8.82 -2.93
N GLY A 389 8.81 -7.74 -2.89
CA GLY A 389 9.58 -7.34 -4.06
C GLY A 389 10.60 -8.39 -4.48
N ASN A 390 11.39 -8.89 -3.52
CA ASN A 390 12.36 -9.93 -3.83
C ASN A 390 11.68 -11.20 -4.32
N LEU A 391 10.55 -11.57 -3.72
CA LEU A 391 9.85 -12.76 -4.14
C LEU A 391 9.42 -12.66 -5.60
N MET A 392 8.94 -11.49 -6.02
CA MET A 392 8.52 -11.33 -7.40
C MET A 392 9.72 -11.26 -8.35
N ASP A 393 10.74 -10.47 -7.98
CA ASP A 393 11.94 -10.35 -8.81
C ASP A 393 12.57 -11.70 -9.11
N SER A 394 12.62 -12.58 -8.11
CA SER A 394 13.26 -13.88 -8.28
C SER A 394 12.36 -14.88 -9.00
N GLY A 395 11.11 -14.52 -9.26
CA GLY A 395 10.19 -15.47 -9.85
C GLY A 395 9.57 -16.44 -8.87
N ARG A 396 9.84 -16.31 -7.57
CA ARG A 396 9.21 -17.20 -6.60
C ARG A 396 7.71 -16.94 -6.47
N CYS A 397 7.26 -15.72 -6.77
N CYS A 397 7.27 -15.71 -6.71
CA CYS A 397 5.87 -15.35 -6.53
CA CYS A 397 5.88 -15.33 -6.59
C CYS A 397 5.41 -14.36 -7.59
C CYS A 397 5.45 -14.49 -7.77
N SER A 398 4.14 -14.49 -8.02
CA SER A 398 3.56 -13.60 -9.01
C SER A 398 2.29 -12.91 -8.52
N PHE A 399 1.78 -13.24 -7.34
CA PHE A 399 0.53 -12.66 -6.86
C PHE A 399 0.58 -12.63 -5.34
N CYS A 400 0.22 -11.47 -4.75
CA CYS A 400 0.37 -11.31 -3.31
C CYS A 400 -0.64 -10.31 -2.77
N GLY A 401 -0.79 -10.31 -1.45
CA GLY A 401 -1.76 -9.45 -0.82
C GLY A 401 -1.57 -9.36 0.68
N GLU A 402 -2.26 -8.40 1.28
CA GLU A 402 -2.25 -8.19 2.71
C GLU A 402 -3.67 -7.97 3.20
N GLU A 403 -3.89 -8.22 4.50
CA GLU A 403 -5.18 -7.98 5.10
C GLU A 403 -5.58 -6.52 5.04
N SER A 404 -4.60 -5.62 4.89
CA SER A 404 -4.84 -4.18 4.93
C SER A 404 -5.30 -3.66 3.58
N PHE A 405 -6.25 -4.35 2.94
CA PHE A 405 -6.88 -3.91 1.69
C PHE A 405 -5.85 -3.78 0.57
N GLY A 406 -4.86 -4.65 0.56
CA GLY A 406 -3.81 -4.56 -0.44
C GLY A 406 -3.67 -5.80 -1.29
N MET A 407 -3.52 -5.63 -2.60
CA MET A 407 -3.35 -6.74 -3.52
C MET A 407 -2.53 -6.25 -4.70
N GLY A 408 -1.72 -7.15 -5.25
CA GLY A 408 -0.91 -6.79 -6.40
C GLY A 408 -0.40 -8.04 -7.09
N SER A 409 0.32 -7.83 -8.19
CA SER A 409 0.98 -8.92 -8.90
C SER A 409 2.34 -8.44 -9.37
N ASP A 410 3.06 -9.33 -10.06
CA ASP A 410 4.36 -8.92 -10.58
C ASP A 410 4.25 -7.98 -11.78
N HIS A 411 3.06 -7.49 -12.14
CA HIS A 411 3.00 -6.45 -13.15
C HIS A 411 3.72 -5.18 -12.70
N ILE A 412 3.78 -4.94 -11.39
CA ILE A 412 4.58 -3.85 -10.83
C ILE A 412 5.19 -4.34 -9.52
N ARG A 413 5.70 -3.42 -8.69
CA ARG A 413 6.27 -3.81 -7.40
C ARG A 413 5.63 -3.02 -6.27
N GLU A 414 4.39 -2.59 -6.45
CA GLU A 414 3.54 -2.01 -5.42
C GLU A 414 2.18 -2.66 -5.47
N LYS A 415 1.44 -2.56 -4.37
CA LYS A 415 0.03 -2.91 -4.42
C LYS A 415 -0.70 -1.95 -5.37
N ASP A 416 -1.86 -2.38 -5.84
CA ASP A 416 -2.50 -1.66 -6.94
C ASP A 416 -4.02 -1.78 -6.77
N GLY A 417 -4.66 -0.67 -6.41
CA GLY A 417 -6.09 -0.70 -6.16
C GLY A 417 -6.91 -0.92 -7.42
N LEU A 418 -6.61 -0.16 -8.49
CA LEU A 418 -7.41 -0.29 -9.70
C LEU A 418 -7.21 -1.66 -10.36
N TRP A 419 -6.00 -2.21 -10.28
CA TRP A 419 -5.78 -3.58 -10.73
C TRP A 419 -6.70 -4.55 -10.00
N THR A 420 -6.90 -4.32 -8.70
CA THR A 420 -7.81 -5.16 -7.92
C THR A 420 -9.24 -5.08 -8.46
N VAL A 421 -9.68 -3.88 -8.81
CA VAL A 421 -11.01 -3.71 -9.38
C VAL A 421 -11.12 -4.44 -10.71
N LEU A 422 -10.11 -4.29 -11.57
CA LEU A 422 -10.17 -4.89 -12.90
C LEU A 422 -10.09 -6.41 -12.85
N VAL A 423 -9.34 -6.97 -11.89
CA VAL A 423 -9.29 -8.43 -11.80
C VAL A 423 -10.62 -8.97 -11.27
N TRP A 424 -11.26 -8.24 -10.36
CA TRP A 424 -12.57 -8.67 -9.87
C TRP A 424 -13.61 -8.63 -10.99
N LEU A 425 -13.68 -7.51 -11.71
CA LEU A 425 -14.62 -7.41 -12.84
C LEU A 425 -14.35 -8.50 -13.87
N SER A 426 -13.06 -8.77 -14.15
CA SER A 426 -12.72 -9.85 -15.07
C SER A 426 -13.27 -11.18 -14.61
N ILE A 427 -13.16 -11.46 -13.31
CA ILE A 427 -13.66 -12.72 -12.76
C ILE A 427 -15.18 -12.76 -12.83
N MET A 428 -15.84 -11.66 -12.46
CA MET A 428 -17.30 -11.58 -12.57
C MET A 428 -17.75 -11.80 -14.01
N ALA A 429 -17.05 -11.22 -14.98
CA ALA A 429 -17.43 -11.41 -16.37
C ALA A 429 -17.20 -12.85 -16.84
N ALA A 430 -16.08 -13.46 -16.45
CA ALA A 430 -15.78 -14.81 -16.92
C ALA A 430 -16.68 -15.85 -16.25
N ARG A 431 -17.01 -15.63 -14.98
CA ARG A 431 -17.88 -16.55 -14.26
C ARG A 431 -19.35 -16.24 -14.41
N LYS A 432 -19.69 -15.04 -14.91
CA LYS A 432 -21.08 -14.60 -15.02
C LYS A 432 -21.79 -14.63 -13.66
N GLN A 433 -21.08 -14.18 -12.62
CA GLN A 433 -21.62 -14.18 -11.27
C GLN A 433 -21.33 -12.84 -10.59
N GLY A 434 -22.17 -12.50 -9.62
CA GLY A 434 -21.96 -11.31 -8.82
C GLY A 434 -20.94 -11.54 -7.72
N VAL A 435 -20.59 -10.45 -7.03
CA VAL A 435 -19.54 -10.50 -6.03
C VAL A 435 -19.88 -11.51 -4.93
N GLU A 436 -21.05 -11.34 -4.31
CA GLU A 436 -21.40 -12.18 -3.16
C GLU A 436 -21.46 -13.65 -3.54
N ASP A 437 -21.98 -13.97 -4.72
CA ASP A 437 -22.10 -15.37 -5.11
C ASP A 437 -20.73 -16.01 -5.30
N ILE A 438 -19.76 -15.25 -5.83
CA ILE A 438 -18.41 -15.79 -6.00
C ILE A 438 -17.79 -16.11 -4.65
N VAL A 439 -17.93 -15.20 -3.69
CA VAL A 439 -17.31 -15.37 -2.38
C VAL A 439 -17.93 -16.56 -1.66
N ARG A 440 -19.27 -16.64 -1.63
CA ARG A 440 -19.93 -17.75 -0.96
C ARG A 440 -19.61 -19.08 -1.62
N ASP A 441 -19.60 -19.11 -2.96
N ASP A 441 -19.57 -19.11 -2.95
CA ASP A 441 -19.16 -20.32 -3.65
CA ASP A 441 -19.17 -20.34 -3.63
C ASP A 441 -17.73 -20.69 -3.26
C ASP A 441 -17.71 -20.68 -3.36
N HIS A 442 -16.88 -19.68 -3.06
CA HIS A 442 -15.52 -19.96 -2.60
C HIS A 442 -15.53 -20.56 -1.20
N TRP A 443 -16.29 -19.95 -0.28
CA TRP A 443 -16.41 -20.51 1.06
C TRP A 443 -16.90 -21.95 1.02
N THR A 444 -17.92 -22.22 0.19
CA THR A 444 -18.46 -23.57 0.12
C THR A 444 -17.40 -24.57 -0.32
N LYS A 445 -16.55 -24.21 -1.27
CA LYS A 445 -15.54 -25.13 -1.78
C LYS A 445 -14.39 -25.32 -0.79
N LEU A 446 -13.91 -24.23 -0.17
CA LEU A 446 -12.68 -24.30 0.61
C LEU A 446 -12.86 -24.03 2.10
N GLY A 447 -14.09 -23.76 2.56
CA GLY A 447 -14.29 -23.32 3.92
C GLY A 447 -14.08 -21.82 4.07
N ARG A 448 -14.51 -21.28 5.20
CA ARG A 448 -14.39 -19.85 5.45
C ARG A 448 -13.39 -19.59 6.57
N ASN A 449 -12.47 -18.66 6.34
CA ASN A 449 -11.56 -18.17 7.37
C ASN A 449 -12.14 -16.86 7.89
N TYR A 450 -12.86 -16.93 9.01
CA TYR A 450 -13.31 -15.72 9.67
C TYR A 450 -12.10 -14.94 10.17
N PHE A 451 -12.16 -13.61 10.08
CA PHE A 451 -10.99 -12.78 10.31
C PHE A 451 -11.43 -11.38 10.68
N CYS A 452 -10.70 -10.77 11.61
CA CYS A 452 -10.92 -9.37 11.95
C CYS A 452 -9.62 -8.79 12.49
N ARG A 453 -9.58 -7.47 12.56
CA ARG A 453 -8.42 -6.74 13.08
C ARG A 453 -8.92 -5.64 13.99
N PHE A 454 -8.35 -5.55 15.20
CA PHE A 454 -8.59 -4.44 16.11
C PHE A 454 -7.40 -3.49 16.07
N ASP A 455 -7.65 -2.20 15.88
CA ASP A 455 -6.63 -1.17 15.96
C ASP A 455 -6.79 -0.39 17.25
N TYR A 456 -5.75 -0.37 18.08
CA TYR A 456 -5.68 0.51 19.25
C TYR A 456 -4.74 1.64 18.89
N GLU A 457 -5.33 2.79 18.56
CA GLU A 457 -4.59 3.85 17.91
C GLU A 457 -4.06 4.87 18.91
N ALA A 458 -2.90 5.44 18.59
CA ALA A 458 -2.29 6.53 19.34
C ALA A 458 -2.28 6.24 20.84
N ILE A 459 -1.80 5.04 21.20
CA ILE A 459 -1.63 4.71 22.61
C ILE A 459 -0.23 5.13 23.02
N ASP A 460 0.03 5.13 24.32
CA ASP A 460 1.30 5.62 24.81
C ASP A 460 2.44 4.68 24.40
N PRO A 461 3.51 5.19 23.77
CA PRO A 461 4.61 4.30 23.35
C PRO A 461 5.23 3.53 24.50
N ARG A 462 5.25 4.11 25.69
CA ARG A 462 5.76 3.38 26.85
C ARG A 462 4.85 2.21 27.20
N ALA A 463 3.54 2.45 27.19
CA ALA A 463 2.58 1.37 27.43
C ALA A 463 2.74 0.26 26.40
N ALA A 464 2.85 0.64 25.13
CA ALA A 464 2.97 -0.35 24.06
C ALA A 464 4.25 -1.17 24.22
N PHE A 465 5.36 -0.52 24.59
CA PHE A 465 6.63 -1.23 24.76
C PHE A 465 6.51 -2.33 25.82
N TYR A 466 6.03 -2.00 27.01
CA TYR A 466 5.94 -3.02 28.05
C TYR A 466 4.87 -4.06 27.73
N LEU A 467 3.79 -3.65 27.06
CA LEU A 467 2.78 -4.62 26.65
C LEU A 467 3.38 -5.70 25.76
N MET A 468 4.09 -5.30 24.70
CA MET A 468 4.67 -6.27 23.79
C MET A 468 5.78 -7.07 24.45
N LYS A 469 6.62 -6.41 25.26
CA LYS A 469 7.68 -7.13 25.99
C LYS A 469 7.09 -8.19 26.91
N ASP A 470 6.08 -7.83 27.70
CA ASP A 470 5.48 -8.78 28.63
C ASP A 470 4.78 -9.91 27.89
N LEU A 471 4.04 -9.59 26.82
CA LEU A 471 3.34 -10.63 26.08
C LEU A 471 4.32 -11.58 25.42
N GLU A 472 5.43 -11.05 24.91
CA GLU A 472 6.44 -11.93 24.33
C GLU A 472 6.96 -12.93 25.36
N ALA A 473 7.16 -12.49 26.60
CA ALA A 473 7.60 -13.41 27.65
C ALA A 473 6.56 -14.46 27.95
N VAL A 474 5.28 -14.07 27.95
CA VAL A 474 4.19 -15.01 28.20
C VAL A 474 4.20 -16.13 27.15
N ILE A 475 4.18 -15.75 25.86
CA ILE A 475 4.03 -16.75 24.80
C ILE A 475 5.31 -17.50 24.50
N SER A 476 6.46 -17.05 25.01
CA SER A 476 7.73 -17.74 24.79
C SER A 476 8.10 -18.66 25.94
N ASP A 477 7.37 -18.62 27.05
CA ASP A 477 7.62 -19.53 28.17
C ASP A 477 7.56 -20.98 27.70
N LYS A 478 8.42 -21.81 28.30
CA LYS A 478 8.54 -23.19 27.83
C LYS A 478 7.27 -24.00 28.03
N ALA A 479 6.37 -23.56 28.91
CA ALA A 479 5.13 -24.26 29.18
C ALA A 479 3.94 -23.73 28.38
N PHE A 480 4.13 -22.71 27.54
CA PHE A 480 2.99 -22.06 26.91
C PHE A 480 2.30 -22.97 25.89
N CYS A 481 3.07 -23.80 25.17
CA CYS A 481 2.47 -24.71 24.21
C CYS A 481 1.61 -25.79 24.86
N SER A 482 1.60 -25.91 26.18
CA SER A 482 0.73 -26.84 26.87
C SER A 482 -0.52 -26.17 27.44
N GLN A 483 -0.71 -24.89 27.15
CA GLN A 483 -1.82 -24.14 27.71
C GLN A 483 -3.07 -24.30 26.85
N LYS A 484 -4.23 -24.14 27.50
CA LYS A 484 -5.50 -24.09 26.82
C LYS A 484 -6.36 -23.04 27.51
N PHE A 485 -7.29 -22.47 26.75
CA PHE A 485 -8.12 -21.37 27.22
C PHE A 485 -9.58 -21.70 26.95
N ALA A 486 -10.45 -21.29 27.88
CA ALA A 486 -11.89 -21.42 27.70
C ALA A 486 -12.55 -20.06 27.79
N VAL A 487 -13.44 -19.77 26.85
CA VAL A 487 -14.32 -18.62 26.91
C VAL A 487 -15.72 -19.12 26.57
N GLY A 488 -16.65 -18.99 27.51
CA GLY A 488 -17.94 -19.63 27.32
C GLY A 488 -17.74 -21.12 27.11
N ASN A 489 -18.31 -21.65 26.03
CA ASN A 489 -18.12 -23.05 25.68
C ASN A 489 -16.98 -23.27 24.69
N SER A 490 -16.30 -22.21 24.26
CA SER A 490 -15.21 -22.33 23.30
C SER A 490 -13.91 -22.63 24.04
N VAL A 491 -13.12 -23.53 23.46
CA VAL A 491 -11.81 -23.89 24.01
C VAL A 491 -10.77 -23.72 22.91
N TYR A 492 -9.61 -23.17 23.27
CA TYR A 492 -8.52 -22.97 22.33
C TYR A 492 -7.23 -23.48 22.95
N SER A 493 -6.54 -24.36 22.24
CA SER A 493 -5.33 -25.01 22.72
C SER A 493 -4.14 -24.52 21.92
N VAL A 494 -3.11 -24.04 22.62
CA VAL A 494 -1.95 -23.48 21.95
C VAL A 494 -1.19 -24.58 21.23
N GLU A 495 -1.03 -24.42 19.92
N GLU A 495 -1.01 -24.42 19.93
CA GLU A 495 -0.20 -25.33 19.13
CA GLU A 495 -0.18 -25.33 19.16
C GLU A 495 1.24 -24.83 19.05
C GLU A 495 1.25 -24.83 19.07
N LYS A 496 1.43 -23.57 18.72
CA LYS A 496 2.74 -22.97 18.55
C LYS A 496 2.61 -21.46 18.79
N ALA A 497 3.70 -20.85 19.25
CA ALA A 497 3.72 -19.40 19.44
C ALA A 497 5.13 -18.89 19.25
N ASP A 498 5.26 -17.69 18.67
CA ASP A 498 6.59 -17.16 18.39
C ASP A 498 6.53 -15.65 18.19
N ASN A 499 7.71 -15.05 18.25
CA ASN A 499 7.95 -13.67 17.85
C ASN A 499 8.47 -13.76 16.42
N PHE A 500 7.60 -13.45 15.46
CA PHE A 500 7.85 -13.79 14.06
C PHE A 500 9.11 -13.12 13.54
N GLU A 501 9.95 -13.91 12.86
CA GLU A 501 11.09 -13.35 12.14
C GLU A 501 11.05 -13.90 10.71
N TYR A 502 11.74 -13.19 9.82
CA TYR A 502 11.72 -13.51 8.40
C TYR A 502 13.11 -13.31 7.83
N ILE A 503 13.67 -14.36 7.26
CA ILE A 503 14.96 -14.28 6.57
C ILE A 503 14.66 -14.30 5.09
N ASP A 504 14.92 -13.17 4.43
CA ASP A 504 14.56 -13.02 3.03
C ASP A 504 15.25 -14.10 2.21
N PRO A 505 14.50 -14.97 1.52
CA PRO A 505 15.13 -16.10 0.82
C PRO A 505 15.96 -15.68 -0.38
N VAL A 506 15.94 -14.42 -0.77
CA VAL A 506 16.62 -13.94 -1.96
C VAL A 506 17.88 -13.15 -1.61
N ASP A 507 17.78 -12.22 -0.67
CA ASP A 507 18.93 -11.40 -0.31
C ASP A 507 19.36 -11.53 1.14
N GLY A 508 18.70 -12.37 1.94
CA GLY A 508 19.15 -12.65 3.28
C GLY A 508 18.86 -11.59 4.32
N THR A 509 18.14 -10.54 3.95
CA THR A 509 17.69 -9.56 4.94
C THR A 509 16.91 -10.27 6.04
N VAL A 510 17.23 -9.95 7.29
CA VAL A 510 16.59 -10.57 8.45
C VAL A 510 15.71 -9.50 9.10
N ALA A 511 14.41 -9.77 9.15
CA ALA A 511 13.46 -8.91 9.82
C ALA A 511 12.99 -9.61 11.09
N ARG A 512 13.33 -9.03 12.24
CA ARG A 512 12.94 -9.58 13.54
C ARG A 512 11.83 -8.73 14.15
N ASN A 513 11.21 -9.27 15.19
CA ASN A 513 10.15 -8.58 15.93
C ASN A 513 9.04 -8.12 14.98
N GLN A 514 8.56 -9.05 14.16
CA GLN A 514 7.59 -8.74 13.13
C GLN A 514 6.19 -9.22 13.49
N GLY A 515 5.93 -9.41 14.79
CA GLY A 515 4.61 -9.83 15.23
C GLY A 515 4.64 -11.00 16.19
N LEU A 516 3.88 -10.89 17.28
CA LEU A 516 3.70 -12.00 18.21
C LEU A 516 2.54 -12.85 17.75
N ARG A 517 2.79 -14.12 17.51
CA ARG A 517 1.83 -15.01 16.88
C ARG A 517 1.52 -16.18 17.79
N ILE A 518 0.23 -16.45 17.98
CA ILE A 518 -0.22 -17.65 18.68
C ILE A 518 -1.05 -18.45 17.69
N ILE A 519 -0.63 -19.68 17.44
CA ILE A 519 -1.36 -20.60 16.57
C ILE A 519 -2.02 -21.64 17.46
N PHE A 520 -3.34 -21.76 17.35
CA PHE A 520 -4.10 -22.71 18.14
C PHE A 520 -4.35 -23.98 17.32
N SER A 521 -4.50 -25.10 18.04
N SER A 521 -4.50 -25.10 18.04
CA SER A 521 -4.73 -26.38 17.37
CA SER A 521 -4.73 -26.37 17.37
C SER A 521 -6.08 -26.39 16.64
C SER A 521 -6.06 -26.38 16.64
N GLU A 522 -7.07 -25.69 17.18
CA GLU A 522 -8.40 -25.68 16.59
C GLU A 522 -8.51 -24.69 15.43
N SER A 523 -7.54 -24.75 14.50
CA SER A 523 -7.56 -23.97 13.26
C SER A 523 -7.83 -22.48 13.51
N SER A 524 -7.04 -21.89 14.40
CA SER A 524 -7.28 -20.50 14.80
C SER A 524 -5.95 -19.83 15.11
N ARG A 525 -5.96 -18.48 15.04
CA ARG A 525 -4.74 -17.70 15.27
C ARG A 525 -5.08 -16.38 15.94
N LEU A 526 -4.16 -15.93 16.77
CA LEU A 526 -4.11 -14.55 17.25
C LEU A 526 -2.76 -13.95 16.86
N ILE A 527 -2.76 -12.72 16.38
CA ILE A 527 -1.53 -12.02 16.07
C ILE A 527 -1.57 -10.63 16.68
N PHE A 528 -0.45 -10.20 17.27
CA PHE A 528 -0.28 -8.90 17.88
C PHE A 528 0.90 -8.21 17.20
N ARG A 529 0.68 -6.98 16.71
CA ARG A 529 1.76 -6.22 16.10
C ARG A 529 1.78 -4.78 16.60
N LEU A 530 3.00 -4.23 16.66
CA LEU A 530 3.21 -2.81 16.84
C LEU A 530 3.32 -2.14 15.47
N SER A 531 2.59 -1.05 15.27
CA SER A 531 2.58 -0.37 13.99
C SER A 531 3.93 0.26 13.68
N GLY A 532 4.28 0.28 12.39
CA GLY A 532 5.49 0.95 11.94
C GLY A 532 5.25 2.08 10.95
N THR A 533 4.00 2.57 10.86
CA THR A 533 3.65 3.65 9.95
C THR A 533 3.10 4.86 10.69
N GLY A 534 3.50 5.06 11.94
CA GLY A 534 3.03 6.21 12.68
C GLY A 534 3.58 7.52 12.14
N VAL A 535 2.89 8.60 12.44
CA VAL A 535 3.34 9.94 12.08
C VAL A 535 3.95 10.66 13.27
N GLY A 536 3.27 10.65 14.41
CA GLY A 536 3.71 11.43 15.55
C GLY A 536 4.31 10.58 16.66
N VAL A 537 4.02 10.96 17.90
CA VAL A 537 4.58 10.23 19.04
C VAL A 537 3.85 8.91 19.26
N GLY A 538 2.52 8.93 19.16
CA GLY A 538 1.74 7.80 19.63
C GLY A 538 2.06 6.52 18.88
N ALA A 539 1.86 5.41 19.58
CA ALA A 539 1.98 4.08 19.00
C ALA A 539 0.60 3.52 18.68
N THR A 540 0.57 2.52 17.81
CA THR A 540 -0.65 1.81 17.48
C THR A 540 -0.38 0.32 17.59
N ILE A 541 -1.28 -0.41 18.26
CA ILE A 541 -1.19 -1.86 18.37
C ILE A 541 -2.35 -2.46 17.61
N ARG A 542 -2.06 -3.46 16.78
CA ARG A 542 -3.07 -4.17 16.01
C ARG A 542 -3.16 -5.60 16.51
N ILE A 543 -4.39 -6.05 16.75
CA ILE A 543 -4.67 -7.44 17.13
C ILE A 543 -5.47 -8.06 16.00
N TYR A 544 -5.01 -9.22 15.53
CA TYR A 544 -5.68 -9.92 14.44
C TYR A 544 -6.16 -11.27 14.97
N ALA A 545 -7.39 -11.63 14.61
CA ALA A 545 -7.98 -12.89 15.04
C ALA A 545 -8.48 -13.64 13.82
N GLU A 546 -8.20 -14.94 13.75
CA GLU A 546 -8.60 -15.79 12.63
C GLU A 546 -9.18 -17.10 13.14
N SER A 547 -10.32 -17.51 12.58
CA SER A 547 -10.95 -18.78 12.92
C SER A 547 -11.53 -19.43 11.67
N PHE A 548 -11.13 -20.67 11.40
CA PHE A 548 -11.57 -21.39 10.22
C PHE A 548 -12.82 -22.20 10.49
N GLU A 549 -13.79 -22.11 9.59
CA GLU A 549 -15.06 -22.83 9.73
C GLU A 549 -15.23 -23.73 8.50
N ARG A 550 -15.21 -25.05 8.72
CA ARG A 550 -15.37 -26.01 7.64
C ARG A 550 -16.83 -26.17 7.22
N ASP A 551 -17.75 -26.05 8.16
CA ASP A 551 -19.16 -26.39 7.95
C ASP A 551 -19.85 -25.36 7.06
N PRO A 552 -20.30 -25.73 5.86
CA PRO A 552 -20.92 -24.74 4.96
C PRO A 552 -22.21 -24.15 5.49
N GLU A 553 -22.83 -24.74 6.50
CA GLU A 553 -24.01 -24.15 7.12
C GLU A 553 -23.66 -23.07 8.14
N ARG A 554 -22.38 -22.84 8.40
CA ARG A 554 -21.93 -21.86 9.38
C ARG A 554 -21.11 -20.77 8.72
N HIS A 555 -21.48 -20.39 7.50
CA HIS A 555 -20.74 -19.40 6.72
C HIS A 555 -21.49 -18.09 6.57
N ASN A 556 -22.50 -17.84 7.41
CA ASN A 556 -23.19 -16.55 7.39
C ASN A 556 -23.26 -15.94 8.79
N ARG A 557 -22.37 -16.34 9.70
CA ARG A 557 -22.36 -15.77 11.03
C ARG A 557 -21.67 -14.41 11.05
N GLU A 558 -21.97 -13.63 12.06
CA GLU A 558 -21.30 -12.35 12.21
C GLU A 558 -19.87 -12.58 12.66
N PRO A 559 -18.87 -12.01 11.98
CA PRO A 559 -17.47 -12.23 12.40
C PRO A 559 -17.20 -11.85 13.84
N GLN A 560 -17.80 -10.76 14.33
CA GLN A 560 -17.54 -10.37 15.72
C GLN A 560 -18.12 -11.37 16.72
N VAL A 561 -19.12 -12.16 16.32
CA VAL A 561 -19.59 -13.24 17.17
C VAL A 561 -18.65 -14.44 17.12
N VAL A 562 -18.29 -14.88 15.91
CA VAL A 562 -17.41 -16.03 15.74
C VAL A 562 -16.09 -15.82 16.47
N LEU A 563 -15.52 -14.63 16.34
CA LEU A 563 -14.19 -14.34 16.84
C LEU A 563 -14.21 -13.76 18.24
N GLY A 564 -15.38 -13.64 18.85
CA GLY A 564 -15.52 -13.13 20.20
C GLY A 564 -14.61 -13.80 21.21
N PRO A 565 -14.67 -15.13 21.31
CA PRO A 565 -13.81 -15.82 22.28
C PRO A 565 -12.33 -15.59 22.03
N LEU A 566 -11.88 -15.66 20.77
CA LEU A 566 -10.46 -15.40 20.48
C LEU A 566 -10.08 -13.97 20.87
N ILE A 567 -10.96 -13.01 20.59
CA ILE A 567 -10.71 -11.63 20.98
C ILE A 567 -10.64 -11.52 22.50
N ALA A 568 -11.51 -12.25 23.21
CA ALA A 568 -11.49 -12.23 24.67
C ALA A 568 -10.15 -12.71 25.19
N ILE A 569 -9.64 -13.81 24.63
CA ILE A 569 -8.33 -14.31 25.02
C ILE A 569 -7.24 -13.27 24.74
N ALA A 570 -7.29 -12.65 23.55
CA ALA A 570 -6.30 -11.65 23.18
C ALA A 570 -6.26 -10.50 24.19
N LEU A 571 -7.44 -9.97 24.52
CA LEU A 571 -7.48 -8.84 25.45
C LEU A 571 -7.03 -9.22 26.85
N LYS A 572 -7.28 -10.46 27.26
CA LYS A 572 -6.92 -10.87 28.62
C LYS A 572 -5.42 -11.08 28.74
N ILE A 573 -4.83 -11.88 27.84
CA ILE A 573 -3.42 -12.21 27.99
C ILE A 573 -2.54 -11.01 27.69
N SER A 574 -3.01 -10.07 26.87
CA SER A 574 -2.26 -8.85 26.61
C SER A 574 -2.51 -7.77 27.66
N ASP A 575 -3.65 -7.83 28.35
CA ASP A 575 -4.04 -6.83 29.35
C ASP A 575 -4.14 -5.43 28.72
N ILE A 576 -4.50 -5.37 27.43
CA ILE A 576 -4.30 -4.13 26.68
C ILE A 576 -5.21 -3.02 27.19
N HIS A 577 -6.43 -3.34 27.61
CA HIS A 577 -7.35 -2.29 28.03
C HIS A 577 -6.83 -1.59 29.28
N GLU A 578 -6.40 -2.36 30.28
CA GLU A 578 -5.85 -1.75 31.49
C GLU A 578 -4.55 -1.01 31.21
N ARG A 579 -3.66 -1.59 30.40
CA ARG A 579 -2.36 -0.99 30.16
C ARG A 579 -2.44 0.31 29.37
N THR A 580 -3.54 0.54 28.64
CA THR A 580 -3.67 1.72 27.79
C THR A 580 -4.78 2.67 28.22
N GLY A 581 -5.59 2.31 29.21
CA GLY A 581 -6.71 3.11 29.60
C GLY A 581 -7.91 3.04 28.69
N ARG A 582 -7.91 2.17 27.70
CA ARG A 582 -8.97 2.08 26.71
C ARG A 582 -10.01 1.04 27.12
N ARG A 583 -11.23 1.23 26.62
CA ARG A 583 -12.33 0.30 26.85
C ARG A 583 -12.60 -0.58 25.65
N GLY A 584 -11.97 -0.29 24.51
CA GLY A 584 -12.11 -1.09 23.32
C GLY A 584 -11.28 -0.50 22.19
N PRO A 585 -11.27 -1.17 21.04
CA PRO A 585 -10.42 -0.71 19.94
C PRO A 585 -10.93 0.58 19.34
N THR A 586 -10.01 1.31 18.70
CA THR A 586 -10.40 2.51 17.97
C THR A 586 -11.15 2.14 16.69
N VAL A 587 -10.66 1.15 15.97
CA VAL A 587 -11.25 0.71 14.71
C VAL A 587 -11.36 -0.81 14.71
N ILE A 588 -12.43 -1.32 14.12
CA ILE A 588 -12.61 -2.75 13.87
C ILE A 588 -12.74 -2.95 12.36
N THR A 589 -11.98 -3.91 11.83
CA THR A 589 -12.03 -4.25 10.42
C THR A 589 -12.35 -5.73 10.25
NI NI B . -1.77 3.66 -0.02
CA CA C . -0.49 -27.71 22.78
C1 G1P D . 0.13 -0.87 7.76
C2 G1P D . -0.50 -2.19 7.35
C3 G1P D . 0.41 -2.92 6.37
C4 G1P D . 0.72 -2.00 5.18
C5 G1P D . 1.34 -0.70 5.70
C6 G1P D . 1.62 0.30 4.61
O1 G1P D . 1.31 -1.06 8.49
O2 G1P D . -0.73 -3.01 8.50
O3 G1P D . -0.19 -4.12 5.92
O4 G1P D . 1.60 -2.61 4.26
O5 G1P D . 0.41 -0.08 6.61
O6 G1P D . 0.45 0.60 3.85
P G1P D . 1.52 -0.97 10.07
O1P G1P D . 3.00 -1.24 10.39
O2P G1P D . 0.66 -2.08 10.63
O3P G1P D . 1.11 0.39 10.54
C1 GOL E . 10.86 25.35 4.05
O1 GOL E . 11.43 24.09 4.16
C2 GOL E . 10.00 25.37 2.75
O2 GOL E . 10.68 24.87 1.64
C3 GOL E . 8.75 24.54 3.09
O3 GOL E . 7.68 25.43 3.14
C1 GOL F . -21.15 -12.24 5.40
O1 GOL F . -20.02 -11.41 5.57
C2 GOL F . -21.76 -12.45 6.81
O2 GOL F . -21.00 -13.31 7.60
C3 GOL F . -21.88 -11.02 7.41
O3 GOL F . -21.76 -11.16 8.80
C1 GOL G . 11.23 -6.60 30.05
O1 GOL G . 11.78 -7.64 29.30
C2 GOL G . 9.81 -7.04 30.56
O2 GOL G . 9.88 -8.07 31.49
C3 GOL G . 9.19 -5.73 31.13
O3 GOL G . 8.19 -6.09 32.03
C1 GOL H . 7.58 -20.99 2.76
O1 GOL H . 8.60 -21.04 3.72
C2 GOL H . 8.17 -21.57 1.47
O2 GOL H . 8.73 -22.82 1.67
C3 GOL H . 7.00 -21.62 0.47
O3 GOL H . 7.09 -22.86 -0.18
C1 GOL I . -5.46 1.81 7.53
O1 GOL I . -6.70 2.01 8.12
C2 GOL I . -4.39 1.71 8.65
O2 GOL I . -4.95 1.77 9.93
C3 GOL I . -3.59 0.38 8.38
O3 GOL I . -4.49 -0.62 7.95
C1 GOL J . 25.60 20.91 -10.70
O1 GOL J . 25.86 21.59 -11.90
C2 GOL J . 25.11 19.50 -11.08
O2 GOL J . 23.99 19.55 -11.91
C3 GOL J . 26.33 18.81 -11.78
O3 GOL J . 25.82 17.84 -12.66
C ACT K . -16.96 9.35 2.66
O ACT K . -16.02 9.68 1.88
OXT ACT K . -17.02 8.37 3.44
CH3 ACT K . -18.22 10.29 2.67
NA NA L . -10.61 20.18 5.09
NA NA M . -0.37 3.35 6.81
NA NA N . -24.74 -13.92 -9.26
NA NA O . 24.68 25.44 -18.23
NA NA P . 4.87 -22.48 -7.02
#